data_5VNS
#
_entry.id   5VNS
#
_cell.length_a   68.379
_cell.length_b   122.784
_cell.length_c   40.256
_cell.angle_alpha   90.00
_cell.angle_beta   90.00
_cell.angle_gamma   90.00
#
_symmetry.space_group_name_H-M   'P 21 21 2'
#
loop_
_entity.id
_entity.type
_entity.pdbx_description
1 polymer 'Diacylglycerol acyltransferase/mycolyltransferase Ag85C'
2 non-polymer '(2S,3S,5S)-5-[(N-FORMYL-L-LEUCYL)OXY]-2-HEXYL-3-HYDROXYHEXADECANOIC ACID'
3 non-polymer (4S)-2-METHYL-2,4-PENTANEDIOL
4 non-polymer GLYCEROL
5 water water
#
_entity_poly.entity_id   1
_entity_poly.type   'polypeptide(L)'
_entity_poly.pdbx_seq_one_letter_code
;MFSRPGLPVEYLQVPSASMGRDIKVQFQGGGPHAVYLLDGLRAQDDYNGWDINTPAFEEYYQSGLSVIMPVGGQSSFYTD
WYQPSQSNGQNYTYKWETFLTREMPAWLQANKGVSPTGNAAVGLSMSGGSALILAAYYPQQFPYAASLSGFLNPSEGWWP
TLIGLAMNDSGGYNANSMWGPSSDPAWKRNDPMVQIPRLVANNTRIWVYCGNGTPSDLGGDNIPAKFLEGLTLRTNQTFR
DTYAADGGRNGVFNFPPNGTHSWPYWNEQLVAMKADIQHVLNGATPPAAPAAPAALEHHHHHH
;
_entity_poly.pdbx_strand_id   A
#
loop_
_chem_comp.id
_chem_comp.type
_chem_comp.name
_chem_comp.formula
DH9 non-polymer '(2S,3S,5S)-5-[(N-FORMYL-L-LEUCYL)OXY]-2-HEXYL-3-HYDROXYHEXADECANOIC ACID' 'C29 H55 N O6'
GOL non-polymer GLYCEROL 'C3 H8 O3'
MPD non-polymer (4S)-2-METHYL-2,4-PENTANEDIOL 'C6 H14 O2'
#
# COMPACT_ATOMS: atom_id res chain seq x y z
N PHE A 2 13.14 -4.86 15.49
CA PHE A 2 12.17 -4.72 16.57
C PHE A 2 11.44 -6.02 16.91
N SER A 3 11.11 -6.80 15.88
CA SER A 3 10.54 -8.12 16.12
C SER A 3 11.60 -8.99 16.79
N ARG A 4 11.21 -9.69 17.84
CA ARG A 4 12.16 -10.56 18.54
C ARG A 4 12.67 -11.66 17.62
N PRO A 5 13.92 -12.11 17.82
CA PRO A 5 14.46 -13.20 16.98
C PRO A 5 13.75 -14.52 17.21
N GLY A 6 13.82 -15.42 16.23
CA GLY A 6 13.21 -16.73 16.37
C GLY A 6 11.85 -16.90 15.71
N LEU A 7 11.25 -15.82 15.22
CA LEU A 7 9.98 -15.88 14.51
C LEU A 7 10.13 -16.62 13.18
N PRO A 8 9.08 -17.30 12.72
CA PRO A 8 9.19 -18.12 11.49
C PRO A 8 9.10 -17.27 10.22
N VAL A 9 10.04 -16.35 10.08
CA VAL A 9 10.10 -15.46 8.92
C VAL A 9 11.03 -16.02 7.87
N GLU A 10 10.51 -16.23 6.67
CA GLU A 10 11.30 -16.76 5.57
C GLU A 10 11.57 -15.68 4.53
N TYR A 11 12.65 -15.84 3.80
CA TYR A 11 13.02 -14.96 2.70
C TYR A 11 12.89 -15.73 1.41
N LEU A 12 11.88 -15.39 0.64
CA LEU A 12 11.48 -16.15 -0.55
C LEU A 12 11.91 -15.45 -1.83
N GLN A 13 12.29 -16.23 -2.83
CA GLN A 13 12.55 -15.70 -4.15
C GLN A 13 11.36 -16.04 -5.04
N VAL A 14 10.56 -15.05 -5.38
CA VAL A 14 9.33 -15.27 -6.14
C VAL A 14 9.47 -14.68 -7.55
N PRO A 15 9.57 -15.55 -8.56
CA PRO A 15 9.75 -15.04 -9.92
C PRO A 15 8.59 -14.19 -10.40
N SER A 16 8.93 -13.08 -11.05
CA SER A 16 7.95 -12.27 -11.76
C SER A 16 8.20 -12.39 -13.26
N ALA A 17 7.34 -13.16 -13.94
CA ALA A 17 7.46 -13.28 -15.40
C ALA A 17 7.29 -11.92 -16.05
N SER A 18 6.38 -11.10 -15.52
CA SER A 18 6.10 -9.80 -16.13
C SER A 18 7.26 -8.82 -16.00
N MET A 19 8.08 -8.95 -14.95
CA MET A 19 9.20 -8.06 -14.76
C MET A 19 10.54 -8.69 -15.14
N GLY A 20 10.53 -9.99 -15.42
CA GLY A 20 11.73 -10.70 -15.85
C GLY A 20 12.78 -10.83 -14.77
N ARG A 21 12.35 -10.84 -13.51
CA ARG A 21 13.29 -10.96 -12.41
C ARG A 21 12.60 -11.59 -11.21
N ASP A 22 13.39 -11.99 -10.24
CA ASP A 22 12.86 -12.54 -9.00
C ASP A 22 12.65 -11.43 -7.99
N ILE A 23 11.50 -11.49 -7.32
CA ILE A 23 11.18 -10.53 -6.28
C ILE A 23 11.35 -11.20 -4.91
N LYS A 24 12.11 -10.57 -4.06
CA LYS A 24 12.31 -11.10 -2.71
C LYS A 24 11.07 -10.79 -1.87
N VAL A 25 10.61 -11.74 -1.12
CA VAL A 25 9.44 -11.56 -0.24
C VAL A 25 9.76 -12.09 1.14
N GLN A 26 9.59 -11.25 2.16
CA GLN A 26 9.67 -11.69 3.55
C GLN A 26 8.31 -12.20 3.96
N PHE A 27 8.26 -13.40 4.50
CA PHE A 27 6.98 -14.09 4.73
C PHE A 27 6.92 -14.74 6.09
N GLN A 28 5.81 -14.53 6.81
CA GLN A 28 5.56 -15.26 8.05
C GLN A 28 4.22 -15.95 7.94
N GLY A 29 4.24 -17.28 7.89
CA GLY A 29 2.99 -18.02 7.76
C GLY A 29 2.27 -18.13 9.09
N GLY A 30 0.96 -18.06 9.04
CA GLY A 30 0.16 -18.15 10.25
C GLY A 30 -1.33 -18.22 9.98
N GLY A 31 -1.70 -18.69 8.79
CA GLY A 31 -3.10 -18.81 8.46
C GLY A 31 -3.33 -18.65 6.96
N PRO A 32 -4.50 -19.09 6.48
CA PRO A 32 -4.76 -19.02 5.04
C PRO A 32 -4.97 -17.59 4.52
N HIS A 33 -5.37 -16.66 5.38
CA HIS A 33 -5.51 -15.28 4.93
C HIS A 33 -4.35 -14.46 5.43
N ALA A 34 -4.00 -13.45 4.64
CA ALA A 34 -2.75 -12.72 4.83
C ALA A 34 -2.93 -11.22 4.82
N VAL A 35 -2.02 -10.56 5.54
CA VAL A 35 -1.88 -9.12 5.48
C VAL A 35 -0.68 -8.79 4.58
N TYR A 36 -0.95 -8.06 3.50
CA TYR A 36 0.08 -7.59 2.58
C TYR A 36 0.56 -6.24 3.08
N LEU A 37 1.82 -6.17 3.50
CA LEU A 37 2.36 -4.91 4.03
C LEU A 37 3.23 -4.23 2.98
N LEU A 38 2.71 -3.14 2.44
CA LEU A 38 3.36 -2.43 1.36
C LEU A 38 4.23 -1.31 1.92
N ASP A 39 5.35 -1.07 1.25
CA ASP A 39 6.37 -0.13 1.69
C ASP A 39 6.12 1.29 1.19
N GLY A 40 6.98 2.22 1.60
CA GLY A 40 6.87 3.59 1.13
C GLY A 40 7.74 3.90 -0.09
N LEU A 41 7.85 5.19 -0.39
CA LEU A 41 8.48 5.67 -1.60
C LEU A 41 9.93 5.22 -1.76
N ARG A 42 10.64 5.12 -0.63
CA ARG A 42 12.06 4.79 -0.68
C ARG A 42 12.33 3.32 -0.36
N ALA A 43 11.37 2.47 -0.74
CA ALA A 43 11.49 1.02 -0.55
C ALA A 43 12.87 0.51 -0.97
N GLN A 44 13.51 -0.24 -0.07
CA GLN A 44 14.84 -0.78 -0.31
C GLN A 44 14.78 -2.19 -0.88
N ASP A 45 15.91 -2.66 -1.43
CA ASP A 45 15.96 -4.00 -2.01
C ASP A 45 16.42 -5.07 -1.03
N ASP A 46 16.76 -4.69 0.19
CA ASP A 46 17.19 -5.69 1.17
C ASP A 46 16.04 -6.14 2.08
N TYR A 47 15.33 -5.19 2.68
CA TYR A 47 14.24 -5.50 3.60
C TYR A 47 13.12 -4.50 3.39
N ASN A 48 11.88 -4.95 3.62
CA ASN A 48 10.72 -4.08 3.62
C ASN A 48 10.79 -3.14 4.83
N GLY A 49 10.41 -1.89 4.63
CA GLY A 49 10.46 -0.88 5.68
C GLY A 49 9.69 -1.23 6.93
N TRP A 50 8.64 -2.03 6.81
CA TRP A 50 7.91 -2.48 7.99
C TRP A 50 8.80 -3.33 8.88
N ASP A 51 9.68 -4.16 8.30
CA ASP A 51 10.54 -4.99 9.12
C ASP A 51 11.72 -4.21 9.68
N ILE A 52 12.20 -3.24 8.91
CA ILE A 52 13.30 -2.39 9.36
C ILE A 52 12.88 -1.55 10.56
N ASN A 53 11.65 -1.05 10.54
CA ASN A 53 11.26 0.02 11.45
C ASN A 53 10.22 -0.32 12.49
N THR A 54 9.64 -1.53 12.43
CA THR A 54 8.54 -1.88 13.33
C THR A 54 8.62 -3.36 13.73
N PRO A 55 7.95 -3.72 14.84
CA PRO A 55 7.83 -5.13 15.21
C PRO A 55 6.59 -5.79 14.56
N ALA A 56 6.28 -5.42 13.32
CA ALA A 56 5.11 -5.97 12.64
C ALA A 56 5.01 -7.49 12.67
N PHE A 57 6.08 -8.20 12.32
CA PHE A 57 6.02 -9.66 12.35
C PHE A 57 5.67 -10.21 13.74
N GLU A 58 6.36 -9.70 14.78
CA GLU A 58 6.08 -10.15 16.13
C GLU A 58 4.63 -9.82 16.53
N GLU A 59 4.16 -8.65 16.13
CA GLU A 59 2.83 -8.21 16.50
C GLU A 59 1.73 -9.08 15.89
N TYR A 60 2.01 -9.66 14.72
CA TYR A 60 1.01 -10.51 14.06
C TYR A 60 1.31 -12.00 14.19
N TYR A 61 2.33 -12.34 14.97
CA TYR A 61 2.64 -13.74 15.23
C TYR A 61 1.50 -14.36 16.05
N GLN A 62 1.01 -15.50 15.58
CA GLN A 62 -0.13 -16.21 16.20
C GLN A 62 -1.41 -15.37 16.20
N SER A 63 -1.53 -14.46 15.23
CA SER A 63 -2.77 -13.70 15.01
C SER A 63 -3.81 -14.47 14.22
N GLY A 64 -3.42 -15.61 13.66
CA GLY A 64 -4.30 -16.31 12.74
C GLY A 64 -4.21 -15.78 11.33
N LEU A 65 -3.29 -14.84 11.10
CA LEU A 65 -3.06 -14.24 9.78
C LEU A 65 -1.62 -14.45 9.36
N SER A 66 -1.40 -14.78 8.09
CA SER A 66 -0.05 -14.72 7.52
C SER A 66 0.34 -13.27 7.26
N VAL A 67 1.64 -13.00 7.19
CA VAL A 67 2.14 -11.64 6.92
C VAL A 67 3.08 -11.70 5.73
N ILE A 68 2.80 -10.86 4.74
CA ILE A 68 3.58 -10.82 3.50
C ILE A 68 4.21 -9.45 3.34
N MET A 69 5.54 -9.40 3.29
CA MET A 69 6.24 -8.14 3.06
C MET A 69 7.05 -8.25 1.77
N PRO A 70 6.49 -7.80 0.65
CA PRO A 70 7.32 -7.79 -0.57
C PRO A 70 8.49 -6.82 -0.43
N VAL A 71 9.63 -7.15 -1.03
CA VAL A 71 10.82 -6.30 -0.91
C VAL A 71 11.11 -5.63 -2.25
N GLY A 72 11.32 -4.32 -2.23
CA GLY A 72 11.71 -3.58 -3.40
C GLY A 72 10.62 -2.68 -3.94
N GLY A 73 10.81 -2.18 -5.15
CA GLY A 73 9.82 -1.33 -5.78
C GLY A 73 9.92 0.15 -5.44
N GLN A 74 11.13 0.66 -5.23
CA GLN A 74 11.32 2.09 -5.02
C GLN A 74 10.53 2.93 -6.03
N SER A 75 9.74 3.86 -5.51
CA SER A 75 8.94 4.79 -6.32
C SER A 75 7.98 4.13 -7.29
N SER A 76 7.62 2.88 -7.05
CA SER A 76 6.85 2.11 -8.04
C SER A 76 5.35 2.34 -7.96
N PHE A 77 4.88 2.84 -6.82
CA PHE A 77 3.44 2.93 -6.49
C PHE A 77 2.72 1.59 -6.58
N TYR A 78 3.49 0.50 -6.57
CA TYR A 78 2.97 -0.86 -6.68
C TYR A 78 1.98 -0.99 -7.82
N THR A 79 2.33 -0.35 -8.93
CA THR A 79 1.45 -0.30 -10.08
C THR A 79 2.14 -0.94 -11.30
N ASP A 80 1.38 -1.15 -12.37
CA ASP A 80 1.95 -1.57 -13.65
C ASP A 80 2.26 -0.34 -14.47
N TRP A 81 3.53 -0.15 -14.80
CA TRP A 81 3.97 1.03 -15.54
C TRP A 81 3.79 0.87 -17.05
N TYR A 82 3.68 1.99 -17.75
CA TYR A 82 3.62 1.95 -19.22
C TYR A 82 4.94 1.50 -19.83
N GLN A 83 6.05 1.93 -19.24
CA GLN A 83 7.36 1.66 -19.80
C GLN A 83 8.45 1.75 -18.72
N PRO A 84 9.68 1.28 -19.03
CA PRO A 84 10.80 1.48 -18.12
C PRO A 84 10.98 2.97 -17.80
N SER A 85 11.40 3.29 -16.58
CA SER A 85 11.54 4.67 -16.19
C SER A 85 12.55 5.36 -17.11
N GLN A 86 12.08 6.33 -17.82
CA GLN A 86 12.90 7.04 -18.78
C GLN A 86 13.67 8.16 -18.12
N SER A 87 14.87 7.82 -17.61
CA SER A 87 15.94 8.76 -17.22
C SER A 87 16.99 8.06 -16.34
N ASN A 88 16.59 7.08 -15.52
CA ASN A 88 17.53 6.53 -14.56
C ASN A 88 18.12 5.19 -14.99
N GLY A 89 17.83 4.80 -16.21
CA GLY A 89 18.44 3.62 -16.78
C GLY A 89 17.76 2.31 -16.44
N GLN A 90 16.56 2.38 -15.88
CA GLN A 90 15.81 1.16 -15.55
C GLN A 90 15.68 0.29 -16.81
N ASN A 91 16.08 -0.96 -16.72
CA ASN A 91 16.14 -1.80 -17.91
C ASN A 91 15.01 -2.81 -18.00
N TYR A 92 13.93 -2.55 -17.27
CA TYR A 92 12.71 -3.34 -17.36
C TYR A 92 11.53 -2.48 -16.96
N THR A 93 10.32 -2.97 -17.17
CA THR A 93 9.11 -2.26 -16.81
C THR A 93 8.56 -2.77 -15.48
N TYR A 94 8.40 -1.88 -14.52
CA TYR A 94 7.69 -2.21 -13.30
C TYR A 94 6.28 -2.78 -13.59
N LYS A 95 5.99 -3.96 -13.06
CA LYS A 95 4.67 -4.55 -13.19
C LYS A 95 4.22 -5.06 -11.84
N TRP A 96 4.19 -4.15 -10.88
CA TRP A 96 3.95 -4.56 -9.51
C TRP A 96 2.49 -4.90 -9.20
N GLU A 97 1.53 -4.33 -9.95
CA GLU A 97 0.14 -4.75 -9.76
C GLU A 97 -0.03 -6.19 -10.23
N THR A 98 0.55 -6.52 -11.38
CA THR A 98 0.53 -7.89 -11.86
C THR A 98 1.20 -8.82 -10.85
N PHE A 99 2.33 -8.39 -10.30
CA PHE A 99 3.01 -9.22 -9.31
C PHE A 99 2.13 -9.47 -8.07
N LEU A 100 1.54 -8.41 -7.54
CA LEU A 100 0.80 -8.53 -6.29
C LEU A 100 -0.54 -9.23 -6.42
N THR A 101 -1.14 -9.17 -7.62
CA THR A 101 -2.49 -9.72 -7.81
C THR A 101 -2.52 -11.05 -8.57
N ARG A 102 -1.40 -11.44 -9.18
CA ARG A 102 -1.36 -12.69 -9.94
C ARG A 102 -0.15 -13.54 -9.56
N GLU A 103 1.05 -13.02 -9.80
CA GLU A 103 2.24 -13.85 -9.66
C GLU A 103 2.52 -14.27 -8.23
N MET A 104 2.53 -13.31 -7.32
CA MET A 104 2.82 -13.64 -5.93
C MET A 104 1.71 -14.47 -5.25
N PRO A 105 0.43 -14.10 -5.39
CA PRO A 105 -0.58 -14.96 -4.75
C PRO A 105 -0.61 -16.38 -5.32
N ALA A 106 -0.35 -16.55 -6.62
CA ALA A 106 -0.29 -17.90 -7.20
C ALA A 106 0.83 -18.71 -6.53
N TRP A 107 1.98 -18.06 -6.36
CA TRP A 107 3.15 -18.69 -5.74
C TRP A 107 2.84 -19.09 -4.30
N LEU A 108 2.27 -18.17 -3.54
CA LEU A 108 1.99 -18.45 -2.15
C LEU A 108 0.86 -19.46 -1.96
N GLN A 109 -0.09 -19.50 -2.90
CA GLN A 109 -1.12 -20.53 -2.85
C GLN A 109 -0.54 -21.94 -3.06
N ALA A 110 0.24 -22.09 -4.12
CA ALA A 110 0.78 -23.39 -4.50
C ALA A 110 1.79 -23.90 -3.48
N ASN A 111 2.62 -23.01 -2.97
CA ASN A 111 3.72 -23.43 -2.14
C ASN A 111 3.49 -23.35 -0.64
N LYS A 112 2.62 -22.44 -0.19
CA LYS A 112 2.41 -22.23 1.24
C LYS A 112 0.96 -22.55 1.67
N GLY A 113 0.02 -22.51 0.74
CA GLY A 113 -1.39 -22.68 1.08
C GLY A 113 -2.09 -21.40 1.51
N VAL A 114 -1.49 -20.25 1.21
CA VAL A 114 -2.16 -18.96 1.43
C VAL A 114 -3.24 -18.76 0.37
N SER A 115 -4.44 -18.39 0.81
CA SER A 115 -5.55 -18.17 -0.10
C SER A 115 -5.35 -16.92 -0.93
N PRO A 116 -5.58 -17.00 -2.24
CA PRO A 116 -5.51 -15.78 -3.06
C PRO A 116 -6.67 -14.85 -2.80
N THR A 117 -7.69 -15.33 -2.08
CA THR A 117 -8.82 -14.47 -1.77
C THR A 117 -8.95 -14.25 -0.27
N GLY A 118 -9.54 -13.11 0.08
CA GLY A 118 -9.89 -12.85 1.46
C GLY A 118 -8.75 -12.29 2.30
N ASN A 119 -7.94 -11.42 1.70
CA ASN A 119 -6.76 -10.84 2.35
C ASN A 119 -6.88 -9.35 2.65
N ALA A 120 -5.87 -8.78 3.28
CA ALA A 120 -5.84 -7.34 3.55
C ALA A 120 -4.65 -6.69 2.87
N ALA A 121 -4.85 -5.53 2.26
CA ALA A 121 -3.75 -4.73 1.76
C ALA A 121 -3.56 -3.51 2.64
N VAL A 122 -2.34 -3.31 3.13
CA VAL A 122 -2.03 -2.21 4.04
C VAL A 122 -0.86 -1.42 3.51
N GLY A 123 -1.05 -0.13 3.24
CA GLY A 123 0.05 0.67 2.71
C GLY A 123 0.24 1.95 3.47
N LEU A 124 1.39 2.60 3.25
CA LEU A 124 1.64 3.89 3.88
C LEU A 124 2.34 4.82 2.91
N SER A 125 2.10 6.12 3.08
CA SER A 125 2.65 7.13 2.22
C SER A 125 2.38 6.76 0.75
N MET A 126 3.42 6.51 -0.05
CA MET A 126 3.25 6.07 -1.44
C MET A 126 2.18 5.00 -1.59
N SER A 127 2.22 3.98 -0.74
CA SER A 127 1.36 2.83 -0.98
C SER A 127 0.00 2.87 -0.26
N GLY A 128 -0.32 3.98 0.42
CA GLY A 128 -1.64 4.10 1.04
C GLY A 128 -2.72 4.07 -0.04
N GLY A 129 -2.55 4.90 -1.05
CA GLY A 129 -3.44 4.87 -2.20
C GLY A 129 -3.41 3.54 -2.94
N SER A 130 -2.22 2.95 -3.05
CA SER A 130 -2.08 1.65 -3.73
C SER A 130 -2.96 0.59 -3.09
N ALA A 131 -2.99 0.56 -1.76
CA ALA A 131 -3.77 -0.44 -1.06
C ALA A 131 -5.25 -0.31 -1.39
N LEU A 132 -5.73 0.94 -1.41
CA LEU A 132 -7.12 1.18 -1.72
C LEU A 132 -7.43 0.81 -3.17
N ILE A 133 -6.51 1.11 -4.07
CA ILE A 133 -6.71 0.77 -5.49
C ILE A 133 -6.73 -0.75 -5.68
N LEU A 134 -5.83 -1.47 -4.99
CA LEU A 134 -5.85 -2.92 -5.06
C LEU A 134 -7.21 -3.48 -4.63
N ALA A 135 -7.79 -2.96 -3.54
CA ALA A 135 -9.11 -3.42 -3.12
C ALA A 135 -10.20 -2.98 -4.11
N ALA A 136 -10.06 -1.79 -4.67
CA ALA A 136 -11.06 -1.27 -5.60
C ALA A 136 -11.20 -2.19 -6.81
N TYR A 137 -10.08 -2.67 -7.34
CA TYR A 137 -10.12 -3.48 -8.57
C TYR A 137 -10.09 -4.99 -8.32
N TYR A 138 -9.61 -5.41 -7.15
CA TYR A 138 -9.53 -6.83 -6.84
C TYR A 138 -10.22 -7.11 -5.50
N PRO A 139 -11.54 -6.89 -5.43
CA PRO A 139 -12.22 -6.99 -4.13
C PRO A 139 -12.27 -8.40 -3.53
N GLN A 140 -12.24 -9.43 -4.37
CA GLN A 140 -12.20 -10.79 -3.82
C GLN A 140 -10.85 -11.07 -3.18
N GLN A 141 -9.79 -10.51 -3.77
CA GLN A 141 -8.47 -10.68 -3.18
C GLN A 141 -8.35 -9.86 -1.90
N PHE A 142 -8.92 -8.66 -1.93
CA PHE A 142 -8.79 -7.72 -0.81
C PHE A 142 -10.12 -7.13 -0.32
N PRO A 143 -10.83 -7.88 0.54
CA PRO A 143 -12.02 -7.34 1.22
C PRO A 143 -11.66 -6.27 2.24
N TYR A 144 -10.36 -6.13 2.55
CA TYR A 144 -9.86 -5.18 3.56
C TYR A 144 -8.74 -4.35 2.97
N ALA A 145 -8.78 -3.02 3.15
CA ALA A 145 -7.65 -2.19 2.76
C ALA A 145 -7.42 -1.08 3.76
N ALA A 146 -6.16 -0.80 4.05
CA ALA A 146 -5.78 0.32 4.91
C ALA A 146 -4.81 1.24 4.20
N SER A 147 -5.05 2.54 4.35
CA SER A 147 -4.17 3.60 3.88
C SER A 147 -3.69 4.42 5.06
N LEU A 148 -2.38 4.41 5.31
CA LEU A 148 -1.78 5.18 6.39
C LEU A 148 -0.99 6.35 5.82
N SER A 149 -1.48 7.56 6.08
CA SER A 149 -0.85 8.77 5.54
C SER A 149 -0.69 8.70 4.02
N GLY A 150 -1.77 8.30 3.37
CA GLY A 150 -1.80 8.13 1.92
C GLY A 150 -2.19 9.40 1.18
N PHE A 151 -1.93 9.36 -0.12
CA PHE A 151 -2.17 10.48 -1.03
C PHE A 151 -3.29 10.07 -1.95
N LEU A 152 -4.50 10.48 -1.57
CA LEU A 152 -5.69 9.78 -2.03
C LEU A 152 -6.43 10.44 -3.19
N ASN A 153 -5.86 11.50 -3.74
CA ASN A 153 -6.43 12.12 -4.93
C ASN A 153 -5.31 12.45 -5.92
N PRO A 154 -4.54 11.44 -6.33
CA PRO A 154 -3.30 11.68 -7.08
C PRO A 154 -3.48 12.32 -8.45
N SER A 155 -4.68 12.25 -9.02
CA SER A 155 -4.90 12.80 -10.36
C SER A 155 -5.28 14.28 -10.34
N GLU A 156 -5.59 14.81 -9.16
CA GLU A 156 -6.18 16.13 -9.03
C GLU A 156 -5.16 17.25 -8.88
N GLY A 157 -5.40 18.34 -9.59
CA GLY A 157 -4.63 19.57 -9.40
C GLY A 157 -3.13 19.38 -9.52
N TRP A 158 -2.43 19.75 -8.46
CA TRP A 158 -0.97 19.70 -8.45
C TRP A 158 -0.39 18.31 -8.15
N TRP A 159 -1.25 17.38 -7.74
CA TRP A 159 -0.72 16.11 -7.21
C TRP A 159 0.11 15.30 -8.22
N PRO A 160 -0.30 15.24 -9.50
CA PRO A 160 0.61 14.51 -10.41
C PRO A 160 2.00 15.12 -10.48
N THR A 161 2.10 16.45 -10.44
CA THR A 161 3.41 17.09 -10.47
C THR A 161 4.19 16.84 -9.17
N LEU A 162 3.51 16.96 -8.03
CA LEU A 162 4.17 16.69 -6.75
C LEU A 162 4.67 15.25 -6.67
N ILE A 163 3.84 14.32 -7.17
CA ILE A 163 4.23 12.92 -7.21
C ILE A 163 5.45 12.75 -8.12
N GLY A 164 5.46 13.43 -9.26
CA GLY A 164 6.61 13.38 -10.15
C GLY A 164 7.88 13.88 -9.47
N LEU A 165 7.76 14.95 -8.71
CA LEU A 165 8.92 15.48 -7.99
C LEU A 165 9.46 14.48 -6.95
N ALA A 166 8.54 13.86 -6.21
CA ALA A 166 8.93 12.90 -5.19
C ALA A 166 9.63 11.69 -5.80
N MET A 167 9.09 11.20 -6.91
CA MET A 167 9.64 10.04 -7.59
C MET A 167 11.03 10.33 -8.14
N ASN A 168 11.23 11.56 -8.61
CA ASN A 168 12.55 11.92 -9.09
C ASN A 168 13.56 11.97 -7.94
N ASP A 169 13.13 12.49 -6.80
CA ASP A 169 14.00 12.56 -5.63
C ASP A 169 14.34 11.16 -5.11
N SER A 170 13.41 10.23 -5.26
CA SER A 170 13.62 8.87 -4.78
C SER A 170 14.07 7.95 -5.92
N GLY A 171 15.34 8.07 -6.29
CA GLY A 171 15.92 7.16 -7.27
C GLY A 171 15.82 7.61 -8.72
N GLY A 172 15.37 8.84 -8.94
CA GLY A 172 15.30 9.41 -10.28
C GLY A 172 14.25 8.77 -11.17
N TYR A 173 13.16 8.30 -10.58
CA TYR A 173 12.10 7.68 -11.37
C TYR A 173 11.18 8.74 -11.99
N ASN A 174 10.55 8.35 -13.08
CA ASN A 174 9.80 9.27 -13.94
C ASN A 174 8.30 8.94 -13.96
N ALA A 175 7.48 9.81 -13.37
CA ALA A 175 6.04 9.59 -13.31
C ALA A 175 5.39 9.47 -14.69
N ASN A 176 5.97 10.10 -15.69
CA ASN A 176 5.44 10.01 -17.05
C ASN A 176 5.57 8.60 -17.61
N SER A 177 6.63 7.89 -17.22
CA SER A 177 6.82 6.50 -17.63
C SER A 177 5.83 5.57 -16.94
N MET A 178 5.34 6.00 -15.79
CA MET A 178 4.44 5.19 -14.99
C MET A 178 3.01 5.25 -15.53
N TRP A 179 2.41 6.44 -15.47
CA TRP A 179 0.99 6.62 -15.80
C TRP A 179 0.77 7.64 -16.91
N GLY A 180 1.86 8.06 -17.55
CA GLY A 180 1.78 9.02 -18.65
C GLY A 180 1.65 10.44 -18.14
N PRO A 181 1.34 11.38 -19.06
CA PRO A 181 1.03 12.75 -18.66
C PRO A 181 -0.22 12.79 -17.79
N SER A 182 -0.43 13.87 -17.05
CA SER A 182 -1.54 13.95 -16.10
C SER A 182 -2.92 13.82 -16.76
N SER A 183 -2.97 13.99 -18.08
CA SER A 183 -4.21 13.85 -18.83
C SER A 183 -4.52 12.41 -19.19
N ASP A 184 -3.55 11.53 -18.94
CA ASP A 184 -3.69 10.12 -19.30
C ASP A 184 -4.71 9.46 -18.39
N PRO A 185 -5.53 8.56 -18.94
CA PRO A 185 -6.55 7.89 -18.14
C PRO A 185 -5.98 7.10 -16.96
N ALA A 186 -4.71 6.71 -17.02
CA ALA A 186 -4.11 5.95 -15.91
C ALA A 186 -4.13 6.72 -14.59
N TRP A 187 -4.05 8.06 -14.64
CA TRP A 187 -4.07 8.83 -13.38
C TRP A 187 -5.42 8.71 -12.68
N LYS A 188 -6.51 8.81 -13.42
CA LYS A 188 -7.81 8.63 -12.82
C LYS A 188 -8.09 7.17 -12.44
N ARG A 189 -7.57 6.23 -13.24
CA ARG A 189 -7.78 4.81 -12.98
C ARG A 189 -7.25 4.46 -11.59
N ASN A 190 -6.12 5.09 -11.24
CA ASN A 190 -5.39 4.76 -10.01
C ASN A 190 -5.59 5.78 -8.90
N ASP A 191 -6.66 6.56 -9.01
CA ASP A 191 -6.97 7.58 -8.02
C ASP A 191 -8.04 7.05 -7.05
N PRO A 192 -7.69 6.84 -5.77
CA PRO A 192 -8.68 6.30 -4.83
C PRO A 192 -9.96 7.13 -4.72
N MET A 193 -9.84 8.46 -4.76
CA MET A 193 -11.00 9.35 -4.73
C MET A 193 -11.95 9.05 -5.89
N VAL A 194 -11.38 8.93 -7.08
CA VAL A 194 -12.15 8.62 -8.28
C VAL A 194 -12.80 7.23 -8.19
N GLN A 195 -12.12 6.30 -7.51
CA GLN A 195 -12.58 4.92 -7.46
C GLN A 195 -13.41 4.60 -6.20
N ILE A 196 -13.80 5.65 -5.45
CA ILE A 196 -14.67 5.45 -4.31
C ILE A 196 -15.94 4.61 -4.64
N PRO A 197 -16.58 4.82 -5.81
CA PRO A 197 -17.77 3.98 -6.06
C PRO A 197 -17.50 2.47 -6.08
N ARG A 198 -16.29 2.06 -6.45
CA ARG A 198 -15.94 0.65 -6.40
C ARG A 198 -15.85 0.18 -4.94
N LEU A 199 -15.18 0.98 -4.10
CA LEU A 199 -15.03 0.63 -2.69
C LEU A 199 -16.37 0.50 -2.00
N VAL A 200 -17.30 1.39 -2.36
CA VAL A 200 -18.65 1.34 -1.82
C VAL A 200 -19.43 0.13 -2.32
N ALA A 201 -19.39 -0.09 -3.65
CA ALA A 201 -20.17 -1.18 -4.24
C ALA A 201 -19.71 -2.54 -3.72
N ASN A 202 -18.42 -2.67 -3.48
CA ASN A 202 -17.87 -3.93 -3.02
C ASN A 202 -17.90 -4.08 -1.51
N ASN A 203 -18.36 -3.05 -0.82
CA ASN A 203 -18.43 -3.03 0.65
C ASN A 203 -17.07 -3.34 1.28
N THR A 204 -16.02 -2.87 0.64
CA THR A 204 -14.67 -3.01 1.17
C THR A 204 -14.59 -2.43 2.58
N ARG A 205 -13.94 -3.14 3.49
CA ARG A 205 -13.63 -2.58 4.80
C ARG A 205 -12.41 -1.70 4.62
N ILE A 206 -12.53 -0.41 4.88
CA ILE A 206 -11.38 0.47 4.69
C ILE A 206 -10.99 1.16 5.98
N TRP A 207 -9.69 1.24 6.20
CA TRP A 207 -9.10 1.85 7.38
C TRP A 207 -8.18 2.96 6.91
N VAL A 208 -8.55 4.21 7.18
CA VAL A 208 -7.83 5.35 6.66
C VAL A 208 -7.29 6.19 7.80
N TYR A 209 -5.97 6.31 7.89
CA TYR A 209 -5.30 7.12 8.92
C TYR A 209 -4.58 8.29 8.26
N CYS A 210 -4.58 9.44 8.92
CA CYS A 210 -3.69 10.51 8.50
C CYS A 210 -3.28 11.30 9.74
N GLY A 211 -1.98 11.47 9.91
CA GLY A 211 -1.44 12.28 10.98
C GLY A 211 -1.51 13.75 10.65
N ASN A 212 -1.03 14.57 11.57
CA ASN A 212 -1.10 16.03 11.45
C ASN A 212 0.25 16.64 11.11
N GLY A 213 1.31 15.82 11.24
CA GLY A 213 2.65 16.25 10.93
C GLY A 213 3.68 15.17 11.15
N THR A 214 4.93 15.46 10.83
CA THR A 214 6.01 14.55 11.19
C THR A 214 6.53 14.98 12.55
N PRO A 215 7.12 14.05 13.32
CA PRO A 215 7.64 14.40 14.65
C PRO A 215 8.57 15.61 14.60
N SER A 216 9.33 15.73 13.52
CA SER A 216 10.17 16.91 13.31
C SER A 216 9.32 18.11 12.90
N ILE A 223 7.84 24.98 7.48
CA ILE A 223 6.63 25.62 6.98
C ILE A 223 6.17 25.04 5.63
N PRO A 224 7.09 24.82 4.67
CA PRO A 224 6.61 24.14 3.45
C PRO A 224 6.07 22.73 3.74
N ALA A 225 6.73 22.02 4.65
CA ALA A 225 6.26 20.71 5.07
C ALA A 225 4.90 20.83 5.74
N LYS A 226 4.71 21.91 6.49
CA LYS A 226 3.45 22.16 7.20
C LYS A 226 2.30 22.38 6.22
N PHE A 227 2.57 23.09 5.12
CA PHE A 227 1.59 23.27 4.06
C PHE A 227 1.25 21.94 3.40
N LEU A 228 2.29 21.19 3.06
CA LEU A 228 2.09 19.90 2.41
C LEU A 228 1.27 18.98 3.29
N GLU A 229 1.58 18.95 4.59
CA GLU A 229 0.87 18.06 5.48
C GLU A 229 -0.59 18.49 5.69
N GLY A 230 -0.83 19.80 5.71
CA GLY A 230 -2.20 20.29 5.79
C GLY A 230 -3.01 19.88 4.58
N LEU A 231 -2.41 20.01 3.40
CA LEU A 231 -3.04 19.59 2.15
C LEU A 231 -3.32 18.08 2.13
N THR A 232 -2.37 17.31 2.66
CA THR A 232 -2.51 15.85 2.69
C THR A 232 -3.65 15.45 3.62
N LEU A 233 -3.74 16.10 4.78
CA LEU A 233 -4.82 15.83 5.70
C LEU A 233 -6.16 16.22 5.07
N ARG A 234 -6.20 17.37 4.39
CA ARG A 234 -7.43 17.81 3.75
C ARG A 234 -7.91 16.83 2.69
N THR A 235 -6.97 16.27 1.92
CA THR A 235 -7.33 15.27 0.92
C THR A 235 -7.93 14.03 1.58
N ASN A 236 -7.34 13.60 2.69
CA ASN A 236 -7.89 12.48 3.46
C ASN A 236 -9.28 12.78 4.02
N GLN A 237 -9.50 14.00 4.51
CA GLN A 237 -10.82 14.36 5.03
C GLN A 237 -11.85 14.45 3.91
N THR A 238 -11.44 14.97 2.76
CA THR A 238 -12.32 15.01 1.59
C THR A 238 -12.66 13.59 1.13
N PHE A 239 -11.65 12.70 1.16
CA PHE A 239 -11.89 11.30 0.83
C PHE A 239 -12.96 10.71 1.74
N ARG A 240 -12.84 10.95 3.05
CA ARG A 240 -13.83 10.47 4.01
C ARG A 240 -15.22 11.01 3.67
N ASP A 241 -15.27 12.31 3.37
CA ASP A 241 -16.55 12.96 3.12
C ASP A 241 -17.18 12.45 1.83
N THR A 242 -16.36 12.23 0.82
CA THR A 242 -16.84 11.73 -0.47
C THR A 242 -17.29 10.27 -0.37
N TYR A 243 -16.54 9.47 0.38
CA TYR A 243 -16.90 8.09 0.64
C TYR A 243 -18.30 8.02 1.29
N ALA A 244 -18.52 8.84 2.31
CA ALA A 244 -19.83 8.91 2.97
C ALA A 244 -20.94 9.34 2.01
N ALA A 245 -20.65 10.38 1.22
CA ALA A 245 -21.62 10.93 0.27
C ALA A 245 -22.01 9.92 -0.80
N ASP A 246 -21.07 9.06 -1.16
CA ASP A 246 -21.32 8.06 -2.20
C ASP A 246 -21.93 6.78 -1.65
N GLY A 247 -22.28 6.78 -0.36
CA GLY A 247 -22.97 5.65 0.25
C GLY A 247 -22.10 4.69 1.05
N GLY A 248 -20.84 5.07 1.25
CA GLY A 248 -19.92 4.21 1.97
C GLY A 248 -20.31 4.09 3.44
N ARG A 249 -20.24 2.88 3.98
CA ARG A 249 -20.67 2.63 5.35
C ARG A 249 -19.74 1.67 6.10
N ASN A 250 -18.56 1.42 5.54
CA ASN A 250 -17.71 0.38 6.11
C ASN A 250 -16.29 0.86 6.32
N GLY A 251 -16.17 2.09 6.82
CA GLY A 251 -14.87 2.72 7.02
C GLY A 251 -14.55 3.07 8.44
N VAL A 252 -13.25 3.12 8.72
CA VAL A 252 -12.71 3.62 9.97
C VAL A 252 -11.77 4.75 9.60
N PHE A 253 -12.03 5.95 10.09
CA PHE A 253 -11.26 7.13 9.70
C PHE A 253 -10.60 7.74 10.92
N ASN A 254 -9.29 7.60 10.97
CA ASN A 254 -8.48 7.97 12.12
C ASN A 254 -7.65 9.21 11.83
N PHE A 255 -8.10 10.35 12.35
CA PHE A 255 -7.39 11.61 12.18
C PHE A 255 -7.08 12.25 13.54
N PRO A 256 -6.36 11.54 14.41
CA PRO A 256 -6.02 12.14 15.71
C PRO A 256 -5.13 13.36 15.53
N PRO A 257 -5.48 14.49 16.14
CA PRO A 257 -4.66 15.70 15.96
C PRO A 257 -3.21 15.53 16.39
N ASN A 258 -2.92 14.62 17.31
CA ASN A 258 -1.54 14.43 17.73
C ASN A 258 -0.86 13.27 16.99
N GLY A 259 -1.58 12.70 16.03
CA GLY A 259 -0.99 11.65 15.21
C GLY A 259 0.13 12.18 14.34
N THR A 260 1.18 11.38 14.16
CA THR A 260 2.29 11.78 13.33
C THR A 260 2.44 10.90 12.09
N HIS A 261 3.20 11.41 11.13
CA HIS A 261 3.62 10.63 9.98
C HIS A 261 4.96 10.00 10.33
N SER A 262 4.94 8.84 10.95
CA SER A 262 6.17 8.25 11.45
C SER A 262 5.97 6.75 11.57
N TRP A 263 7.06 6.00 11.50
CA TRP A 263 6.95 4.56 11.63
C TRP A 263 6.35 4.14 13.00
N PRO A 264 6.67 4.84 14.10
CA PRO A 264 5.98 4.45 15.35
C PRO A 264 4.47 4.62 15.28
N TYR A 265 3.98 5.68 14.64
CA TYR A 265 2.52 5.85 14.60
C TYR A 265 1.92 4.91 13.54
N TRP A 266 2.63 4.68 12.45
CA TRP A 266 2.11 3.73 11.45
C TRP A 266 2.07 2.33 12.05
N ASN A 267 3.06 1.99 12.88
CA ASN A 267 3.00 0.73 13.62
C ASN A 267 1.82 0.70 14.60
N GLU A 268 1.60 1.79 15.30
CA GLU A 268 0.47 1.83 16.22
C GLU A 268 -0.83 1.58 15.47
N GLN A 269 -0.94 2.12 14.25
CA GLN A 269 -2.13 1.88 13.45
C GLN A 269 -2.23 0.42 13.00
N LEU A 270 -1.11 -0.18 12.63
CA LEU A 270 -1.07 -1.59 12.26
C LEU A 270 -1.53 -2.47 13.42
N VAL A 271 -1.10 -2.15 14.64
CA VAL A 271 -1.54 -2.91 15.80
C VAL A 271 -3.03 -2.66 16.05
N ALA A 272 -3.45 -1.40 15.93
CA ALA A 272 -4.83 -1.04 16.21
C ALA A 272 -5.81 -1.71 15.28
N MET A 273 -5.41 -1.90 14.02
CA MET A 273 -6.31 -2.51 13.03
C MET A 273 -6.32 -4.03 13.09
N LYS A 274 -5.43 -4.64 13.87
CA LYS A 274 -5.34 -6.10 13.87
C LYS A 274 -6.66 -6.78 14.21
N ALA A 275 -7.33 -6.34 15.28
CA ALA A 275 -8.62 -6.92 15.63
C ALA A 275 -9.63 -6.70 14.52
N ASP A 276 -9.58 -5.54 13.88
CA ASP A 276 -10.50 -5.24 12.79
C ASP A 276 -10.27 -6.22 11.62
N ILE A 277 -9.01 -6.44 11.25
CA ILE A 277 -8.71 -7.37 10.17
C ILE A 277 -9.10 -8.79 10.54
N GLN A 278 -8.83 -9.19 11.77
CA GLN A 278 -9.20 -10.53 12.22
C GLN A 278 -10.70 -10.77 12.09
N HIS A 279 -11.50 -9.79 12.49
CA HIS A 279 -12.94 -9.95 12.42
C HIS A 279 -13.45 -10.01 10.99
N VAL A 280 -12.90 -9.20 10.11
CA VAL A 280 -13.35 -9.17 8.73
C VAL A 280 -12.89 -10.40 7.93
N LEU A 281 -11.63 -10.78 8.09
CA LEU A 281 -11.08 -11.87 7.31
C LEU A 281 -11.33 -13.26 7.89
N ASN A 282 -11.36 -13.38 9.21
CA ASN A 282 -11.46 -14.70 9.85
C ASN A 282 -12.76 -14.88 10.61
N GLY A 283 -13.60 -13.86 10.60
CA GLY A 283 -14.93 -13.93 11.18
C GLY A 283 -14.90 -14.20 12.67
C22 DH9 B . 3.75 13.63 -3.43
C21 DH9 B . 4.10 12.16 -3.37
C20 DH9 B . 3.26 11.44 -2.32
C19 DH9 B . 3.47 9.92 -2.33
C18 DH9 B . 4.81 9.55 -1.63
C17 DH9 B . 5.07 10.26 -0.28
C2' DH9 B . 6.25 9.60 0.46
C1' DH9 B . 5.71 8.34 1.11
O1' DH9 B . 6.16 7.22 0.86
C3' DH9 B . 6.73 10.48 1.56
O3' DH9 B . 7.59 9.75 2.39
C4' DH9 B . 7.48 11.70 0.93
C5' DH9 B . 6.71 13.03 1.23
O4' DH9 B . 6.82 13.15 2.67
C23 DH9 B . 5.76 13.90 3.29
O5' DH9 B . 4.92 14.51 2.64
C24 DH9 B . 5.74 13.87 4.83
C26 DH9 B . 4.49 13.12 5.24
C27 DH9 B . 4.41 11.73 4.56
C28 DH9 B . 3.09 11.05 4.84
C29 DH9 B . 5.55 10.82 4.99
N1' DH9 B . 5.74 15.18 5.37
C25 DH9 B . 6.87 16.01 5.19
O6' DH9 B . 7.85 15.61 4.57
C6' DH9 B . 7.35 14.29 0.54
C7' DH9 B . 6.77 14.55 -0.84
C8' DH9 B . 7.18 15.95 -1.40
C9' DH9 B . 6.46 16.27 -2.73
C10 DH9 B . 7.09 17.51 -3.41
C11 DH9 B . 6.71 18.81 -2.64
C12 DH9 B . 7.19 20.06 -3.39
C13 DH9 B . 6.82 21.35 -2.68
C14 DH9 B . 6.78 22.53 -3.67
C15 DH9 B . 7.34 23.81 -3.06
C1 MPD C . -2.52 -22.04 7.47
C2 MPD C . -1.94 -22.51 6.14
O2 MPD C . -1.18 -23.72 6.34
CM MPD C . -3.13 -22.80 5.22
C3 MPD C . -1.09 -21.46 5.39
C4 MPD C . -0.12 -20.54 6.13
O4 MPD C . 0.09 -20.81 7.51
C5 MPD C . 1.23 -20.48 5.42
C1 MPD D . -3.77 23.83 -5.71
C2 MPD D . -3.61 23.55 -4.24
O2 MPD D . -2.42 24.10 -3.80
CM MPD D . -4.65 24.23 -3.41
C3 MPD D . -3.52 22.09 -3.84
C4 MPD D . -3.72 20.92 -4.81
O4 MPD D . -3.56 21.18 -6.17
C5 MPD D . -2.70 19.88 -4.40
C1 GOL E . 11.61 1.99 3.78
O1 GOL E . 10.55 2.78 3.31
C2 GOL E . 12.83 2.82 4.20
O2 GOL E . 12.45 4.09 4.71
C3 GOL E . 13.65 2.00 5.21
O3 GOL E . 13.69 2.60 6.48
C1 GOL F . 8.81 5.73 2.80
O1 GOL F . 9.84 4.92 2.25
C2 GOL F . 9.28 6.64 3.91
O2 GOL F . 8.31 7.65 4.11
C3 GOL F . 9.36 5.83 5.20
O3 GOL F . 10.68 5.38 5.37
#